data_8DCH
#
_entry.id   8DCH
#
_cell.length_a   56.659
_cell.length_b   56.659
_cell.length_c   78.155
_cell.angle_alpha   90.000
_cell.angle_beta   90.000
_cell.angle_gamma   90.000
#
_symmetry.space_group_name_H-M   'P 41'
#
loop_
_entity.id
_entity.type
_entity.pdbx_description
1 polymer Protease
2 non-polymer "(3R,3aS,3bR,6aS,7aS)-octahydrodifuro[2,3-b:3',2'-d]furan-3-yl [(1S,2R)-1-benzyl-2-hydroxy-3-{[(4-methoxyphenyl)sulfonyl](2-methylpropyl)amino}propyl]carbamate"
3 non-polymer 'CHLORIDE ION'
4 non-polymer GLYCEROL
5 water water
#
_entity_poly.entity_id   1
_entity_poly.type   'polypeptide(L)'
_entity_poly.pdbx_seq_one_letter_code
;PQITLWKRPFVTVKIGGQITEALLDTGADDTIIENISLPGRWKPKIIQGIGGFLKVRQYDQIPIEIEGHKVIGSVVVGPT
PVNVIGRNVMSQLGATLNF
;
_entity_poly.pdbx_strand_id   A,B
#
loop_
_chem_comp.id
_chem_comp.type
_chem_comp.name
_chem_comp.formula
CL non-polymer 'CHLORIDE ION' 'Cl -1'
G52 non-polymer '(3R,3aS,3bR,6aS,7aS)-octahydrodifuro[2,3-b:3',2'-d]furan-3-yl [(1S,2R)-1-benzyl-2-hydroxy-3-{[(4-methoxyphenyl)sulfonyl](2-methylpropyl)amino}propyl]carbamate' 'C30 H40 N2 O9 S'
GOL non-polymer GLYCEROL 'C3 H8 O3'
#
# COMPACT_ATOMS: atom_id res chain seq x y z
N PRO A 1 -14.37 10.13 -9.36
CA PRO A 1 -14.09 11.07 -8.28
C PRO A 1 -12.66 11.64 -8.25
N GLN A 2 -12.53 12.65 -7.39
CA GLN A 2 -11.22 13.20 -7.02
C GLN A 2 -11.06 13.03 -5.53
N ILE A 3 -10.21 12.11 -5.13
CA ILE A 3 -10.20 11.69 -3.74
C ILE A 3 -8.99 12.26 -3.04
N THR A 4 -9.15 13.05 -2.02
CA THR A 4 -8.06 13.53 -1.19
C THR A 4 -7.51 12.42 -0.26
N LEU A 5 -6.37 12.75 0.36
CA LEU A 5 -5.58 11.71 1.05
C LEU A 5 -5.27 12.08 2.49
N TRP A 6 -6.02 13.05 3.03
CA TRP A 6 -5.86 13.37 4.45
C TRP A 6 -6.61 12.37 5.35
N LYS A 7 -7.36 11.42 4.76
CA LYS A 7 -7.84 10.26 5.50
C LYS A 7 -7.63 9.06 4.55
N ARG A 8 -7.76 7.85 5.07
CA ARG A 8 -7.62 6.66 4.22
C ARG A 8 -8.63 6.66 3.09
N PRO A 9 -8.22 6.40 1.83
CA PRO A 9 -9.18 6.43 0.70
C PRO A 9 -9.94 5.13 0.49
N PHE A 10 -10.90 4.90 1.40
CA PHE A 10 -11.81 3.75 1.28
C PHE A 10 -12.91 4.01 0.27
N VAL A 11 -13.27 2.96 -0.43
CA VAL A 11 -14.39 2.96 -1.35
C VAL A 11 -15.20 1.68 -1.13
N THR A 12 -16.48 1.75 -1.49
CA THR A 12 -17.31 0.56 -1.55
C THR A 12 -17.07 -0.10 -2.90
C THR A 12 -17.28 -0.05 -2.95
N VAL A 13 -16.97 -1.42 -2.91
N VAL A 13 -16.91 -1.31 -3.01
CA VAL A 13 -16.76 -2.13 -4.17
CA VAL A 13 -16.70 -2.09 -4.22
C VAL A 13 -17.64 -3.36 -4.17
C VAL A 13 -17.59 -3.32 -4.20
N LYS A 14 -17.93 -3.83 -5.37
CA LYS A 14 -18.58 -5.14 -5.46
CA LYS A 14 -18.56 -5.15 -5.44
C LYS A 14 -17.63 -6.08 -6.18
N ILE A 15 -17.33 -7.20 -5.58
CA ILE A 15 -16.35 -8.14 -6.12
C ILE A 15 -17.00 -9.49 -6.20
N GLY A 16 -17.15 -10.00 -7.41
CA GLY A 16 -17.86 -11.28 -7.55
C GLY A 16 -19.25 -11.19 -6.93
N GLY A 17 -19.89 -10.02 -7.05
CA GLY A 17 -21.23 -9.89 -6.50
C GLY A 17 -21.24 -9.58 -5.00
N GLN A 18 -20.11 -9.48 -4.34
CA GLN A 18 -20.12 -9.30 -2.88
C GLN A 18 -19.71 -7.86 -2.61
N ILE A 19 -20.53 -7.10 -1.90
CA ILE A 19 -20.21 -5.73 -1.53
C ILE A 19 -19.28 -5.70 -0.33
N THR A 20 -18.13 -5.03 -0.46
N THR A 20 -18.29 -4.84 -0.56
CA THR A 20 -17.19 -4.88 0.67
CA THR A 20 -17.04 -4.78 0.18
C THR A 20 -16.57 -3.50 0.52
C THR A 20 -16.46 -3.39 0.36
N GLU A 21 -15.80 -3.09 1.48
CA GLU A 21 -15.09 -1.81 1.49
CA GLU A 21 -15.05 -1.89 1.75
C GLU A 21 -13.61 -2.11 1.36
N ALA A 22 -12.90 -1.27 0.64
CA ALA A 22 -11.48 -1.51 0.40
C ALA A 22 -10.77 -0.18 0.18
N LEU A 23 -9.48 -0.21 0.48
CA LEU A 23 -8.61 0.96 0.38
C LEU A 23 -8.04 1.10 -1.01
N LEU A 24 -8.12 2.23 -1.69
CA LEU A 24 -7.46 2.46 -2.96
C LEU A 24 -5.97 2.60 -2.69
N ASP A 25 -5.17 1.64 -3.19
CA ASP A 25 -3.77 1.54 -2.72
C ASP A 25 -2.80 1.54 -3.88
N THR A 26 -2.17 2.69 -4.15
CA THR A 26 -1.24 2.78 -5.28
C THR A 26 0.07 2.01 -5.02
N GLY A 27 0.34 1.63 -3.79
CA GLY A 27 1.50 0.78 -3.51
C GLY A 27 1.26 -0.72 -3.61
N ALA A 28 0.02 -1.12 -3.94
CA ALA A 28 -0.30 -2.52 -4.10
C ALA A 28 -0.38 -2.87 -5.57
N ASP A 29 0.39 -3.83 -6.04
CA ASP A 29 0.27 -4.27 -7.43
C ASP A 29 -1.06 -4.97 -7.63
N ASP A 30 -1.48 -5.73 -6.63
CA ASP A 30 -2.61 -6.64 -6.68
C ASP A 30 -3.72 -6.15 -5.74
N THR A 31 -4.92 -6.70 -5.95
CA THR A 31 -6.10 -6.46 -5.13
C THR A 31 -6.24 -7.62 -4.13
N ILE A 32 -6.22 -7.27 -2.84
N ILE A 32 -6.20 -7.30 -2.84
CA ILE A 32 -6.17 -8.30 -1.80
CA ILE A 32 -6.19 -8.31 -1.79
C ILE A 32 -7.41 -8.15 -0.91
C ILE A 32 -7.43 -8.15 -0.90
N ILE A 33 -8.30 -9.13 -0.81
CA ILE A 33 -9.54 -9.01 -0.05
C ILE A 33 -9.64 -10.18 0.91
N GLU A 34 -9.92 -9.89 2.17
CA GLU A 34 -10.05 -10.97 3.18
C GLU A 34 -11.49 -11.48 3.24
N ASN A 35 -12.46 -10.55 3.36
CA ASN A 35 -13.81 -10.97 3.77
C ASN A 35 -14.72 -11.25 2.60
N ILE A 36 -14.27 -12.10 1.70
CA ILE A 36 -15.14 -12.60 0.62
CA ILE A 36 -15.09 -12.61 0.64
C ILE A 36 -14.81 -14.07 0.39
N SER A 37 -15.72 -14.80 -0.18
CA SER A 37 -15.53 -16.17 -0.62
CA SER A 37 -15.43 -16.15 -0.65
C SER A 37 -15.82 -16.20 -2.12
N LEU A 38 -14.93 -16.71 -2.95
CA LEU A 38 -15.14 -16.78 -4.39
C LEU A 38 -15.24 -18.27 -4.78
N PRO A 39 -16.07 -18.69 -5.73
N PRO A 39 -16.27 -18.49 -5.58
CA PRO A 39 -16.05 -20.08 -6.20
CA PRO A 39 -16.61 -19.84 -6.03
C PRO A 39 -14.95 -20.48 -7.17
C PRO A 39 -15.65 -20.34 -7.10
N GLY A 40 -14.59 -21.77 -7.25
N GLY A 40 -15.62 -21.65 -7.27
CA GLY A 40 -13.75 -22.25 -8.32
CA GLY A 40 -14.87 -22.35 -8.28
C GLY A 40 -12.28 -22.46 -8.02
C GLY A 40 -13.37 -22.36 -8.06
N ARG A 41 -11.49 -22.77 -9.05
N ARG A 41 -12.64 -22.64 -9.14
CA ARG A 41 -10.07 -23.01 -8.99
CA ARG A 41 -11.21 -22.88 -9.08
C ARG A 41 -9.32 -21.68 -8.77
C ARG A 41 -10.37 -21.63 -8.88
N TRP A 42 -8.14 -21.84 -8.18
N TRP A 42 -9.22 -21.87 -8.24
CA TRP A 42 -7.33 -20.65 -7.86
CA TRP A 42 -8.28 -20.81 -7.94
C TRP A 42 -5.86 -21.04 -7.92
C TRP A 42 -6.85 -21.37 -8.13
N LYS A 43 -4.94 -20.07 -7.90
N LYS A 43 -5.87 -20.52 -8.19
CA LYS A 43 -3.52 -20.42 -7.98
CA LYS A 43 -4.44 -20.74 -8.30
C LYS A 43 -2.85 -19.95 -6.70
C LYS A 43 -3.76 -20.48 -6.96
N PRO A 44 -2.03 -20.80 -6.11
N PRO A 44 -3.02 -21.38 -6.38
CA PRO A 44 -1.37 -20.39 -4.86
CA PRO A 44 -2.25 -21.01 -5.18
C PRO A 44 -0.49 -19.22 -5.27
C PRO A 44 -1.28 -19.87 -5.47
N LYS A 45 -0.53 -18.21 -4.43
N LYS A 45 -0.98 -19.04 -4.47
CA LYS A 45 0.36 -17.09 -4.69
CA LYS A 45 -0.06 -17.90 -4.67
C LYS A 45 1.09 -16.94 -3.40
C LYS A 45 0.62 -17.42 -3.39
N ILE A 46 2.41 -16.98 -3.52
N ILE A 46 1.75 -16.73 -3.42
CA ILE A 46 2.91 -16.50 -2.24
CA ILE A 46 2.48 -16.01 -2.41
C ILE A 46 2.89 -15.00 -2.46
C ILE A 46 2.92 -14.53 -2.63
N ILE A 47 1.97 -14.40 -1.66
N ILE A 47 2.83 -13.55 -1.70
CA ILE A 47 1.99 -12.95 -1.68
CA ILE A 47 2.93 -12.09 -1.67
C ILE A 47 2.89 -12.37 -0.62
C ILE A 47 3.76 -11.38 -0.61
N GLN A 48 3.53 -11.27 -1.01
N GLN A 48 4.37 -10.19 -0.81
CA GLN A 48 4.44 -10.55 -0.16
CA GLN A 48 5.24 -9.68 0.28
C GLN A 48 3.88 -9.26 0.41
C GLN A 48 5.13 -8.19 0.49
N GLY A 49 4.22 -8.94 1.67
N GLY A 49 5.31 -7.79 1.75
CA GLY A 49 3.92 -7.61 2.21
CA GLY A 49 5.16 -6.38 2.12
C GLY A 49 4.97 -7.13 3.18
C GLY A 49 5.97 -6.08 3.37
N ILE A 50 4.69 -6.08 3.93
N ILE A 50 5.65 -5.04 4.08
CA ILE A 50 5.68 -5.54 4.86
CA ILE A 50 6.28 -4.74 5.37
C ILE A 50 6.08 -6.48 5.99
C ILE A 50 5.95 -5.88 6.32
N GLY A 51 5.21 -7.44 6.33
N GLY A 51 6.96 -6.39 7.01
CA GLY A 51 5.40 -8.32 7.48
CA GLY A 51 6.77 -7.38 8.04
C GLY A 51 6.01 -9.65 7.10
C GLY A 51 6.95 -8.77 7.44
N GLY A 52 6.06 -9.97 5.80
N GLY A 52 7.07 -8.87 6.11
CA GLY A 52 6.56 -11.30 5.37
CA GLY A 52 7.33 -10.21 5.58
C GLY A 52 5.74 -11.75 4.19
C GLY A 52 6.34 -10.66 4.52
N PHE A 53 5.67 -13.04 3.95
N PHE A 53 6.39 -11.92 4.13
CA PHE A 53 4.84 -13.57 2.88
CA PHE A 53 5.49 -12.45 3.09
C PHE A 53 3.77 -14.48 3.50
C PHE A 53 4.21 -13.02 3.69
N LEU A 54 2.80 -14.83 2.68
N LEU A 54 3.22 -13.18 2.82
CA LEU A 54 1.73 -15.73 3.08
CA LEU A 54 1.90 -13.74 3.09
C LEU A 54 1.22 -16.47 1.83
C LEU A 54 1.55 -14.73 1.97
N LYS A 55 0.70 -17.67 2.07
N LYS A 55 1.21 -15.96 2.33
CA LYS A 55 0.08 -18.45 1.02
CA LYS A 55 0.63 -16.90 1.38
C LYS A 55 -1.40 -18.08 0.92
C LYS A 55 -0.85 -16.60 1.15
N VAL A 56 -1.88 -17.77 -0.25
N VAL A 56 -1.28 -16.64 -0.11
CA VAL A 56 -3.23 -17.24 -0.48
CA VAL A 56 -2.60 -16.18 -0.49
C VAL A 56 -3.80 -17.85 -1.76
C VAL A 56 -3.10 -16.96 -1.71
N ARG A 57 -5.01 -17.49 -2.16
N ARG A 57 -4.35 -16.78 -2.10
CA ARG A 57 -5.67 -17.92 -3.39
CA ARG A 57 -4.97 -17.50 -3.19
C ARG A 57 -5.69 -16.75 -4.38
C ARG A 57 -5.38 -16.57 -4.33
N GLN A 58 -5.21 -16.95 -5.59
CA GLN A 58 -5.47 -15.97 -6.67
C GLN A 58 -6.62 -16.49 -7.50
N TYR A 59 -7.65 -15.69 -7.62
CA TYR A 59 -8.78 -15.97 -8.47
C TYR A 59 -8.71 -15.08 -9.69
N ASP A 60 -8.93 -15.61 -10.87
CA ASP A 60 -8.89 -14.83 -12.10
C ASP A 60 -10.29 -14.57 -12.64
N GLN A 61 -10.38 -13.57 -13.50
CA GLN A 61 -11.60 -13.25 -14.23
C GLN A 61 -12.79 -12.94 -13.33
N ILE A 62 -12.54 -12.07 -12.35
CA ILE A 62 -13.58 -11.70 -11.39
C ILE A 62 -14.22 -10.37 -11.75
N PRO A 63 -15.53 -10.27 -11.81
CA PRO A 63 -16.16 -8.96 -12.06
C PRO A 63 -16.04 -8.05 -10.86
N ILE A 64 -15.62 -6.82 -11.09
CA ILE A 64 -15.35 -5.82 -10.05
C ILE A 64 -16.08 -4.54 -10.41
N GLU A 65 -16.92 -4.05 -9.51
CA GLU A 65 -17.65 -2.81 -9.80
C GLU A 65 -17.22 -1.77 -8.75
N ILE A 66 -16.77 -0.60 -9.23
CA ILE A 66 -16.21 0.43 -8.36
CA ILE A 66 -16.30 0.42 -8.33
C ILE A 66 -16.66 1.78 -8.93
N GLU A 67 -17.43 2.53 -8.15
CA GLU A 67 -17.90 3.86 -8.51
CA GLU A 67 -17.92 3.85 -8.50
C GLU A 67 -18.48 3.91 -9.91
N GLY A 68 -19.26 2.91 -10.27
CA GLY A 68 -19.91 2.89 -11.56
C GLY A 68 -19.12 2.18 -12.67
N HIS A 69 -17.84 1.95 -12.45
CA HIS A 69 -16.99 1.34 -13.45
C HIS A 69 -17.06 -0.17 -13.26
N LYS A 70 -17.06 -0.89 -14.37
CA LYS A 70 -17.18 -2.36 -14.35
C LYS A 70 -15.95 -2.91 -15.05
N VAL A 71 -15.09 -3.60 -14.34
CA VAL A 71 -13.91 -4.18 -14.93
C VAL A 71 -13.79 -5.63 -14.50
N ILE A 72 -13.03 -6.39 -15.24
CA ILE A 72 -12.65 -7.74 -14.87
C ILE A 72 -11.21 -7.75 -14.38
N GLY A 73 -10.93 -8.44 -13.26
CA GLY A 73 -9.59 -8.53 -12.80
C GLY A 73 -9.35 -9.77 -11.96
N SER A 74 -8.09 -10.00 -11.66
CA SER A 74 -7.71 -10.98 -10.68
C SER A 74 -7.82 -10.46 -9.26
N VAL A 75 -8.25 -11.32 -8.35
CA VAL A 75 -8.44 -10.93 -6.96
C VAL A 75 -7.73 -11.96 -6.09
N VAL A 76 -6.89 -11.46 -5.18
CA VAL A 76 -6.22 -12.35 -4.22
C VAL A 76 -7.05 -12.40 -2.98
N VAL A 77 -7.34 -13.58 -2.48
CA VAL A 77 -8.14 -13.75 -1.26
C VAL A 77 -7.23 -14.31 -0.18
N GLY A 78 -7.19 -13.62 0.93
CA GLY A 78 -6.39 -14.08 2.08
C GLY A 78 -6.36 -12.98 3.15
N PRO A 79 -5.63 -13.29 4.19
N PRO A 79 -5.70 -13.17 4.29
CA PRO A 79 -5.66 -12.39 5.35
CA PRO A 79 -5.84 -12.34 5.49
C PRO A 79 -4.95 -11.09 4.99
C PRO A 79 -5.01 -11.10 5.72
N THR A 80 -5.55 -9.97 5.31
CA THR A 80 -4.89 -8.69 5.13
C THR A 80 -5.51 -7.79 6.19
N PRO A 81 -4.76 -6.93 6.85
CA PRO A 81 -5.37 -6.08 7.87
C PRO A 81 -6.46 -5.19 7.33
N VAL A 82 -6.36 -4.79 6.06
CA VAL A 82 -7.39 -4.04 5.41
CA VAL A 82 -7.41 -4.04 5.42
C VAL A 82 -7.40 -4.49 3.95
N ASN A 83 -8.63 -4.52 3.43
CA ASN A 83 -8.79 -4.89 2.03
C ASN A 83 -8.17 -3.78 1.17
N VAL A 84 -7.48 -4.16 0.08
CA VAL A 84 -6.88 -3.12 -0.77
C VAL A 84 -7.24 -3.41 -2.23
N ILE A 85 -7.53 -2.30 -2.93
CA ILE A 85 -7.70 -2.31 -4.38
C ILE A 85 -6.36 -1.85 -4.94
N GLY A 86 -5.70 -2.71 -5.73
CA GLY A 86 -4.39 -2.38 -6.21
C GLY A 86 -4.43 -1.84 -7.63
N ARG A 87 -3.21 -1.64 -8.15
CA ARG A 87 -3.09 -1.03 -9.46
C ARG A 87 -3.65 -1.95 -10.54
N ASN A 88 -3.79 -3.26 -10.34
CA ASN A 88 -4.35 -4.09 -11.41
C ASN A 88 -5.79 -3.68 -11.70
N VAL A 89 -6.50 -3.10 -10.73
CA VAL A 89 -7.81 -2.52 -10.93
C VAL A 89 -7.68 -1.04 -11.27
N MET A 90 -6.90 -0.27 -10.51
CA MET A 90 -6.91 1.20 -10.75
C MET A 90 -6.39 1.56 -12.11
N SER A 91 -5.43 0.82 -12.68
CA SER A 91 -4.95 1.16 -14.03
C SER A 91 -6.06 0.94 -15.05
N GLN A 92 -7.00 0.04 -14.80
CA GLN A 92 -8.11 -0.19 -15.76
C GLN A 92 -9.08 0.94 -15.69
N LEU A 93 -9.07 1.73 -14.61
CA LEU A 93 -9.92 2.91 -14.50
C LEU A 93 -9.20 4.12 -15.09
N GLY A 94 -7.94 4.01 -15.54
CA GLY A 94 -7.26 5.23 -15.95
C GLY A 94 -6.96 6.12 -14.74
N ALA A 95 -6.86 5.58 -13.54
CA ALA A 95 -6.66 6.46 -12.35
C ALA A 95 -5.28 7.08 -12.33
N THR A 96 -5.23 8.27 -11.81
CA THR A 96 -3.96 8.99 -11.70
C THR A 96 -3.81 9.57 -10.31
N LEU A 97 -2.54 9.74 -9.92
N LEU A 97 -2.56 9.74 -9.91
CA LEU A 97 -2.13 10.50 -8.76
CA LEU A 97 -2.24 10.47 -8.68
C LEU A 97 -1.77 11.91 -9.20
C LEU A 97 -1.79 11.86 -9.14
N ASN A 98 -2.36 12.90 -8.54
CA ASN A 98 -2.14 14.27 -9.02
C ASN A 98 -1.63 15.15 -7.90
N PHE A 99 -0.59 15.96 -8.08
CA PHE A 99 -0.24 16.97 -7.08
C PHE A 99 0.54 18.08 -7.78
N PRO B 1 2.75 16.80 -10.77
CA PRO B 1 2.52 15.87 -11.85
C PRO B 1 1.15 15.20 -11.82
N GLN B 2 0.82 14.55 -12.94
N GLN B 2 0.85 14.50 -12.94
CA GLN B 2 -0.25 13.58 -13.10
CA GLN B 2 -0.26 13.57 -13.06
C GLN B 2 0.40 12.24 -13.35
C GLN B 2 0.23 12.18 -13.40
N ILE B 3 0.29 11.31 -12.40
CA ILE B 3 1.02 10.07 -12.53
C ILE B 3 0.07 8.91 -12.78
N THR B 4 0.21 8.21 -13.88
CA THR B 4 -0.57 7.02 -14.13
C THR B 4 -0.05 5.82 -13.30
N LEU B 5 -0.83 4.75 -13.38
CA LEU B 5 -0.66 3.65 -12.41
C LEU B 5 -0.54 2.30 -13.10
N TRP B 6 -0.25 2.35 -14.43
CA TRP B 6 0.01 1.08 -15.13
C TRP B 6 1.45 0.57 -14.89
N LYS B 7 2.29 1.34 -14.15
CA LYS B 7 3.53 0.83 -13.60
C LYS B 7 3.61 1.39 -12.18
N ARG B 8 4.53 0.88 -11.37
CA ARG B 8 4.68 1.37 -10.00
C ARG B 8 5.03 2.85 -10.01
N PRO B 9 4.37 3.70 -9.18
CA PRO B 9 4.65 5.14 -9.18
C PRO B 9 5.80 5.53 -8.29
N PHE B 10 7.02 5.22 -8.76
CA PHE B 10 8.26 5.64 -8.12
C PHE B 10 8.58 7.10 -8.40
N VAL B 11 9.12 7.77 -7.38
CA VAL B 11 9.63 9.11 -7.54
C VAL B 11 10.97 9.18 -6.81
N THR B 12 11.78 10.17 -7.25
CA THR B 12 13.01 10.46 -6.55
C THR B 12 12.67 11.48 -5.45
N VAL B 13 13.19 11.25 -4.25
CA VAL B 13 12.91 12.13 -3.12
CA VAL B 13 12.90 12.08 -3.09
C VAL B 13 14.21 12.42 -2.40
N LYS B 14 14.27 13.52 -1.69
CA LYS B 14 15.40 13.79 -0.81
C LYS B 14 14.83 13.81 0.60
N ILE B 15 15.41 13.01 1.48
CA ILE B 15 14.91 12.88 2.84
C ILE B 15 16.07 13.12 3.76
N GLY B 16 15.97 14.16 4.59
CA GLY B 16 17.10 14.48 5.45
C GLY B 16 18.37 14.69 4.64
N GLY B 17 18.22 15.25 3.44
CA GLY B 17 19.41 15.48 2.60
C GLY B 17 19.83 14.26 1.80
N GLN B 18 19.19 13.12 1.91
CA GLN B 18 19.65 11.89 1.26
C GLN B 18 18.74 11.62 0.08
N ILE B 19 19.28 11.53 -1.13
CA ILE B 19 18.44 11.18 -2.26
C ILE B 19 18.17 9.68 -2.32
N THR B 20 16.88 9.29 -2.42
N THR B 20 16.87 9.46 -2.56
CA THR B 20 16.53 7.87 -2.60
CA THR B 20 16.20 8.17 -2.43
C THR B 20 15.30 7.88 -3.52
C THR B 20 15.17 7.93 -3.50
N GLU B 21 14.89 6.68 -3.85
CA GLU B 21 13.74 6.41 -4.70
CA GLU B 21 13.74 6.41 -4.71
C GLU B 21 12.65 5.78 -3.83
N ALA B 22 11.39 6.15 -4.04
CA ALA B 22 10.33 5.61 -3.20
C ALA B 22 9.00 5.59 -3.97
N LEU B 23 8.13 4.69 -3.55
CA LEU B 23 6.84 4.47 -4.19
C LEU B 23 5.79 5.39 -3.58
N LEU B 24 5.04 6.14 -4.39
CA LEU B 24 3.89 6.91 -3.86
C LEU B 24 2.78 5.95 -3.48
N ASP B 25 2.47 5.87 -2.21
CA ASP B 25 1.63 4.75 -1.71
C ASP B 25 0.44 5.23 -0.94
N THR B 26 -0.72 5.28 -1.60
CA THR B 26 -1.92 5.77 -0.91
C THR B 26 -2.43 4.81 0.18
N GLY B 27 -2.00 3.56 0.15
CA GLY B 27 -2.39 2.67 1.24
C GLY B 27 -1.47 2.70 2.45
N ALA B 28 -0.46 3.56 2.44
CA ALA B 28 0.46 3.69 3.57
C ALA B 28 0.12 4.94 4.34
N ASP B 29 -0.16 4.83 5.63
CA ASP B 29 -0.36 6.04 6.46
C ASP B 29 0.95 6.80 6.59
N ASP B 30 2.03 6.06 6.73
CA ASP B 30 3.35 6.60 7.10
C ASP B 30 4.33 6.40 5.92
N THR B 31 5.45 7.11 5.98
CA THR B 31 6.55 7.03 5.05
C THR B 31 7.64 6.14 5.64
N ILE B 32 7.97 5.06 4.91
N ILE B 32 7.96 5.06 4.93
CA ILE B 32 8.84 4.02 5.44
CA ILE B 32 8.82 3.99 5.41
C ILE B 32 10.04 3.91 4.52
C ILE B 32 10.04 3.88 4.50
N ILE B 33 11.25 4.13 4.97
CA ILE B 33 12.46 4.14 4.12
C ILE B 33 13.48 3.23 4.76
N GLU B 34 14.04 2.32 3.96
CA GLU B 34 15.07 1.42 4.49
C GLU B 34 16.47 2.02 4.34
N ASN B 35 16.81 2.55 3.16
CA ASN B 35 18.21 2.81 2.85
C ASN B 35 18.61 4.24 3.15
N ILE B 36 18.34 4.70 4.35
CA ILE B 36 18.84 5.99 4.79
C ILE B 36 19.27 5.85 6.25
N SER B 37 20.14 6.74 6.70
CA SER B 37 20.53 6.80 8.09
C SER B 37 20.18 8.24 8.54
N LEU B 38 19.42 8.47 9.58
CA LEU B 38 19.02 9.78 10.08
C LEU B 38 19.71 10.00 11.44
N PRO B 39 20.17 11.18 11.84
N PRO B 39 20.31 11.17 11.54
CA PRO B 39 20.66 11.42 13.20
CA PRO B 39 21.13 11.53 12.69
C PRO B 39 19.62 11.65 14.29
C PRO B 39 20.25 11.93 13.87
N GLY B 40 20.00 11.36 15.55
N GLY B 40 20.79 11.87 15.08
CA GLY B 40 19.29 11.74 16.72
CA GLY B 40 20.10 12.28 16.28
C GLY B 40 18.30 10.77 17.33
C GLY B 40 19.06 11.31 16.80
N ARG B 41 17.44 11.28 18.23
N ARG B 41 18.21 11.83 17.69
CA ARG B 41 16.48 10.45 18.95
CA ARG B 41 17.25 11.05 18.44
C ARG B 41 15.32 10.03 18.05
C ARG B 41 16.02 10.61 17.68
N TRP B 42 14.72 8.91 18.38
N TRP B 42 15.55 9.43 18.08
CA TRP B 42 13.58 8.35 17.65
CA TRP B 42 14.38 8.84 17.44
C TRP B 42 12.64 7.60 18.59
C TRP B 42 13.51 8.23 18.54
N LYS B 43 11.44 7.28 18.08
N LYS B 43 12.30 7.85 18.16
CA LYS B 43 10.45 6.55 18.87
CA LYS B 43 11.35 7.16 19.03
C LYS B 43 10.28 5.15 18.29
C LYS B 43 11.12 5.74 18.54
N PRO B 44 10.31 4.11 19.12
N PRO B 44 11.21 4.77 19.43
CA PRO B 44 10.01 2.77 18.58
CA PRO B 44 10.92 3.39 19.03
C PRO B 44 8.55 2.76 18.15
C PRO B 44 9.51 3.31 18.45
N LYS B 45 8.25 2.03 17.09
N LYS B 45 9.33 2.50 17.43
CA LYS B 45 6.93 1.93 16.51
CA LYS B 45 7.96 2.37 16.89
C LYS B 45 6.76 0.51 16.00
C LYS B 45 7.71 0.94 16.47
N ILE B 46 5.53 0.03 15.92
N ILE B 46 6.51 0.44 16.68
CA ILE B 46 5.21 -1.19 15.19
CA ILE B 46 6.14 -0.82 16.03
C ILE B 46 4.12 -0.90 14.18
C ILE B 46 5.24 -0.50 14.85
N ILE B 47 4.39 -1.30 12.95
N ILE B 47 5.64 -1.01 13.70
CA ILE B 47 3.39 -1.14 11.88
CA ILE B 47 4.89 -0.81 12.49
C ILE B 47 2.97 -2.50 11.35
C ILE B 47 4.32 -2.12 11.97
N GLN B 48 1.79 -2.53 10.75
N GLN B 48 3.14 -2.04 11.39
CA GLN B 48 1.25 -3.81 10.31
CA GLN B 48 2.35 -3.13 10.87
C GLN B 48 0.85 -3.69 8.87
C GLN B 48 2.37 -3.12 9.35
N GLY B 49 1.03 -4.78 8.16
N GLY B 49 2.47 -4.30 8.74
CA GLY B 49 0.65 -4.85 6.77
CA GLY B 49 2.23 -4.43 7.32
C GLY B 49 0.36 -6.30 6.41
C GLY B 49 1.58 -5.77 7.00
N ILE B 50 0.34 -6.58 5.15
N ILE B 50 1.53 -6.15 5.75
CA ILE B 50 0.21 -7.98 4.70
CA ILE B 50 0.87 -7.36 5.34
C ILE B 50 1.41 -8.74 5.22
C ILE B 50 1.48 -8.64 5.91
N GLY B 51 1.11 -9.90 5.81
N GLY B 51 2.78 -8.59 6.27
CA GLY B 51 2.15 -10.80 6.26
CA GLY B 51 3.47 -9.80 6.73
C GLY B 51 2.52 -10.58 7.72
C GLY B 51 3.57 -9.92 8.22
N GLY B 52 1.92 -9.53 8.33
N GLY B 52 3.17 -8.89 8.96
CA GLY B 52 2.15 -9.33 9.75
CA GLY B 52 3.30 -8.92 10.43
C GLY B 52 2.76 -7.97 10.07
C GLY B 52 3.72 -7.54 10.89
N PHE B 53 3.23 -7.83 11.30
N PHE B 53 4.29 -7.45 12.08
CA PHE B 53 3.80 -6.57 11.75
CA PHE B 53 4.81 -6.20 12.58
C PHE B 53 5.31 -6.53 11.54
C PHE B 53 6.33 -6.29 12.72
N LEU B 54 5.83 -5.29 11.61
N LEU B 54 6.95 -5.14 12.94
CA LEU B 54 7.27 -5.16 11.81
CA LEU B 54 8.39 -5.09 13.23
C LEU B 54 7.57 -3.90 12.63
C LEU B 54 8.67 -3.82 14.04
N LYS B 55 8.63 -4.16 13.40
N LYS B 55 9.75 -3.85 14.79
CA LYS B 55 9.15 -3.15 14.30
CA LYS B 55 10.24 -2.73 15.56
C LYS B 55 10.05 -2.18 13.55
C LYS B 55 11.16 -1.87 14.69
N VAL B 56 9.89 -0.89 13.85
N VAL B 56 10.94 -0.58 14.65
CA VAL B 56 10.59 0.17 13.14
CA VAL B 56 11.63 0.36 13.75
C VAL B 56 10.90 1.36 14.05
C VAL B 56 11.88 1.68 14.47
N ARG B 57 11.63 2.32 13.54
N ARG B 57 12.50 2.65 13.82
CA ARG B 57 12.02 3.53 14.26
CA ARG B 57 12.69 3.99 14.38
C ARG B 57 11.43 4.81 13.68
C ARG B 57 11.73 4.97 13.72
N GLN B 58 10.97 5.74 14.50
CA GLN B 58 10.27 6.91 13.96
C GLN B 58 11.10 8.15 14.25
N TYR B 59 11.46 8.84 13.18
CA TYR B 59 12.14 10.12 13.30
C TYR B 59 11.18 11.25 12.99
N ASP B 60 11.17 12.32 13.75
CA ASP B 60 10.26 13.43 13.51
C ASP B 60 11.00 14.65 12.94
N GLN B 61 10.19 15.53 12.36
CA GLN B 61 10.72 16.82 11.89
C GLN B 61 11.82 16.67 10.83
N ILE B 62 11.55 15.79 9.86
CA ILE B 62 12.54 15.56 8.78
C ILE B 62 12.21 16.36 7.53
N PRO B 63 13.15 17.08 6.97
CA PRO B 63 12.88 17.77 5.67
C PRO B 63 12.81 16.78 4.54
N ILE B 64 11.73 16.89 3.74
CA ILE B 64 11.44 16.00 2.63
C ILE B 64 11.21 16.84 1.38
N GLU B 65 11.94 16.56 0.30
CA GLU B 65 11.75 17.32 -0.93
C GLU B 65 11.32 16.33 -2.00
N ILE B 66 10.21 16.63 -2.68
CA ILE B 66 9.66 15.75 -3.68
CA ILE B 66 9.54 15.73 -3.62
C ILE B 66 9.01 16.60 -4.76
N GLU B 67 9.48 16.40 -5.96
CA GLU B 67 9.07 17.12 -7.16
C GLU B 67 8.99 18.61 -6.93
N GLY B 68 9.97 19.22 -6.27
CA GLY B 68 9.94 20.65 -6.10
C GLY B 68 9.21 21.09 -4.84
N HIS B 69 8.49 20.24 -4.17
CA HIS B 69 7.76 20.57 -2.96
C HIS B 69 8.65 20.25 -1.76
N LYS B 70 8.57 21.13 -0.77
CA LYS B 70 9.41 20.99 0.43
C LYS B 70 8.49 20.90 1.63
N VAL B 71 8.48 19.77 2.31
CA VAL B 71 7.62 19.62 3.46
C VAL B 71 8.42 19.02 4.60
N ILE B 72 7.93 19.17 5.80
CA ILE B 72 8.47 18.53 6.99
C ILE B 72 7.57 17.39 7.39
N GLY B 73 8.14 16.20 7.68
CA GLY B 73 7.28 15.11 8.11
C GLY B 73 8.05 14.12 8.96
N SER B 74 7.32 13.19 9.56
CA SER B 74 7.94 12.07 10.22
C SER B 74 8.30 10.97 9.22
N VAL B 75 9.46 10.33 9.46
CA VAL B 75 9.92 9.27 8.59
C VAL B 75 10.22 8.03 9.44
N VAL B 76 9.68 6.89 9.03
CA VAL B 76 9.98 5.63 9.70
C VAL B 76 11.13 4.97 9.02
N VAL B 77 12.14 4.57 9.71
CA VAL B 77 13.32 3.92 9.12
C VAL B 77 13.32 2.46 9.58
N GLY B 78 13.38 1.57 8.61
CA GLY B 78 13.42 0.14 8.94
C GLY B 78 13.26 -0.68 7.66
N PRO B 79 13.26 -1.97 7.79
CA PRO B 79 13.29 -2.84 6.60
C PRO B 79 11.94 -2.78 5.91
N THR B 80 11.91 -2.63 4.62
CA THR B 80 10.68 -2.60 3.88
C THR B 80 11.13 -3.08 2.50
N PRO B 81 10.36 -3.91 1.82
CA PRO B 81 10.84 -4.37 0.51
C PRO B 81 10.99 -3.26 -0.51
N VAL B 82 10.22 -2.20 -0.36
CA VAL B 82 10.23 -1.06 -1.21
CA VAL B 82 10.46 -1.03 -1.16
C VAL B 82 10.09 0.19 -0.30
N ASN B 83 10.85 1.23 -0.56
CA ASN B 83 10.59 2.48 0.18
C ASN B 83 9.24 3.03 -0.22
N VAL B 84 8.46 3.58 0.72
CA VAL B 84 7.14 4.12 0.37
C VAL B 84 7.00 5.51 0.98
N ILE B 85 6.39 6.37 0.17
CA ILE B 85 5.96 7.68 0.62
C ILE B 85 4.47 7.55 0.94
N GLY B 86 4.11 7.78 2.19
CA GLY B 86 2.75 7.58 2.61
C GLY B 86 1.95 8.85 2.61
N ARG B 87 0.71 8.72 3.11
CA ARG B 87 -0.22 9.85 3.10
C ARG B 87 0.30 10.96 4.01
N ASN B 88 1.11 10.69 5.02
CA ASN B 88 1.57 11.78 5.89
C ASN B 88 2.35 12.81 5.08
N VAL B 89 2.97 12.41 3.98
CA VAL B 89 3.60 13.33 3.03
C VAL B 89 2.63 13.72 1.93
N MET B 90 1.92 12.77 1.32
CA MET B 90 1.11 13.13 0.17
C MET B 90 -0.01 14.08 0.51
N SER B 91 -0.59 13.99 1.71
CA SER B 91 -1.64 14.95 2.05
C SER B 91 -1.08 16.36 2.14
N GLN B 92 0.19 16.50 2.53
CA GLN B 92 0.79 17.86 2.61
C GLN B 92 1.01 18.43 1.23
N LEU B 93 1.03 17.62 0.18
CA LEU B 93 1.11 18.09 -1.19
C LEU B 93 -0.27 18.37 -1.78
N GLY B 94 -1.34 18.12 -1.05
CA GLY B 94 -2.68 18.23 -1.63
C GLY B 94 -2.89 17.16 -2.69
N ALA B 95 -2.20 16.01 -2.63
CA ALA B 95 -2.36 15.01 -3.69
C ALA B 95 -3.75 14.38 -3.68
N THR B 96 -4.19 14.03 -4.86
CA THR B 96 -5.50 13.39 -5.03
C THR B 96 -5.35 12.19 -5.98
N LEU B 97 -6.26 11.22 -5.75
CA LEU B 97 -6.45 10.11 -6.68
CA LEU B 97 -6.50 10.11 -6.66
C LEU B 97 -7.67 10.48 -7.53
N ASN B 98 -7.50 10.36 -8.84
CA ASN B 98 -8.51 10.79 -9.79
C ASN B 98 -8.92 9.68 -10.74
N PHE B 99 -10.22 9.45 -10.96
CA PHE B 99 -10.61 8.53 -12.03
C PHE B 99 -12.07 8.82 -12.44
C2 G52 C . 2.05 2.08 7.11
C2 G52 C . 0.62 -6.54 -3.37
C3 G52 C . 2.72 2.27 5.90
C3 G52 C . -0.44 -5.80 -2.85
C4 G52 C . 2.76 1.21 5.00
C4 G52 C . -0.28 -5.18 -1.61
C5 G52 C . 2.21 -0.01 5.40
C5 G52 C . 0.90 -5.40 -0.90
C6 G52 C . 1.63 -0.21 6.64
C6 G52 C . 1.95 -6.17 -1.40
C7 G52 C . 1.59 0.84 7.54
C7 G52 C . 1.79 -6.80 -2.65
S8 G52 C . 2.20 -1.36 4.27
S8 G52 C . 1.19 -4.59 0.62
O9 G52 C . 3.41 -1.21 3.45
O9 G52 C . -0.14 -4.46 1.29
O10 G52 C . 1.99 -2.60 4.97
O10 G52 C . 2.22 -5.25 1.38
N11 G52 C . 0.90 -1.19 3.23
N11 G52 C . 1.73 -3.05 0.36
C12 G52 C . -0.35 -1.01 3.93
C12 G52 C . 2.91 -2.96 -0.47
C13 G52 C . -1.49 -1.86 3.32
C13 G52 C . 3.92 -1.90 -0.03
C14 G52 C . -1.17 -3.36 3.43
C14 G52 C . 4.43 -2.12 1.40
C15 G52 C . -2.80 -1.54 4.01
C15 G52 C . 5.07 -1.76 -1.01
C16 G52 C . 1.09 -0.33 2.07
C16 G52 C . 0.72 -2.04 0.10
C17 G52 C . 0.97 -1.11 0.78
C17 G52 C . 0.68 -0.96 1.18
O18 G52 C . 0.78 -0.24 -0.34
O18 G52 C . -0.03 0.19 0.72
C19 G52 C . 2.09 -2.14 0.53
C19 G52 C . 0.21 -1.45 2.55
N20 G52 C . 1.69 -3.05 -0.54
N20 G52 C . 0.54 -0.37 3.53
C21 G52 C . 1.47 -4.36 -0.41
C21 G52 C . 1.45 -0.55 4.51
O22 G52 C . 1.43 -4.94 0.70
O22 G52 C . 2.21 -1.55 4.64
O23 G52 C . 1.23 -4.93 -1.60
O23 G52 C . 1.50 0.52 5.33
C24 G52 C . 0.95 -6.33 -1.63
C24 G52 C . 2.40 0.47 6.46
C25 G52 C . -0.35 -6.54 -2.43
C25 G52 C . 3.19 1.79 6.42
O26 G52 C . -0.03 -6.46 -3.81
O26 G52 C . 2.37 2.82 6.95
C27 G52 C . 1.37 -6.77 -3.95
C27 G52 C . 1.37 2.19 7.78
O28 G52 C . 2.00 -5.57 -4.44
O28 G52 C . 0.11 2.43 7.17
C29 G52 C . 3.16 -5.25 -3.68
C29 G52 C . -0.64 1.23 7.10
C30 G52 C . 3.31 -6.32 -2.61
C30 G52 C . 0.19 0.11 7.69
C31 G52 C . 1.96 -7.03 -2.58
C31 G52 C . 1.60 0.69 7.74
C32 G52 C . 3.42 -1.49 0.13
C32 G52 C . -1.31 -1.70 2.66
C33 G52 C . 4.88 -2.87 -1.34
C33 G52 C . -2.27 -1.34 4.96
C34 G52 C . 5.73 -3.96 -1.59
C34 G52 C . -2.46 -1.74 6.27
C35 G52 C . 6.13 -4.78 -0.54
C35 G52 C . -2.04 -2.97 6.73
C36 G52 C . 5.75 -4.47 0.76
C36 G52 C . -1.37 -3.83 5.85
C37 G52 C . 4.90 -3.41 1.00
C37 G52 C . -1.16 -3.43 4.56
C38 G52 C . 4.44 -2.62 -0.05
C38 G52 C . -1.60 -2.19 4.09
O39 G52 C . 1.97 3.20 7.89
O39 G52 C . 0.42 -7.06 -4.61
C40 G52 C . 1.30 2.91 9.09
C40 G52 C . 1.46 -7.93 -5.03
O41 G52 C . 4.32 -5.34 -4.49
O41 G52 C . -1.81 1.35 7.93
C42 G52 C . 4.70 -6.73 -4.58
C42 G52 C . -1.41 1.04 9.30
C43 G52 C . 4.44 -7.22 -3.14
C43 G52 C . -0.40 -0.09 9.11
CL CL D . -5.97 -8.16 -13.14
CL CL E . 4.21 13.62 9.32
C1 GOL F . 18.34 17.10 6.97
O1 GOL F . 18.76 18.09 6.05
C2 GOL F . 18.16 17.56 8.40
O2 GOL F . 17.11 16.75 8.94
C3 GOL F . 17.84 19.05 8.49
O3 GOL F . 17.18 19.36 9.73
#